data_1DG0
#
_entry.id   1DG0
#
_cell.length_a   1.000
_cell.length_b   1.000
_cell.length_c   1.000
_cell.angle_alpha   90.00
_cell.angle_beta   90.00
_cell.angle_gamma   90.00
#
_symmetry.space_group_name_H-M   'P 1'
#
_entity_poly.entity_id   1
_entity_poly.type   'polypeptide(L)'
_entity_poly.pdbx_seq_one_letter_code
;C(HYP)(DTR)QPW(CY3)
;
_entity_poly.pdbx_strand_id   A
#
# COMPACT_ATOMS: atom_id res chain seq x y z
N CYS A 1 -4.01 -0.83 2.12
CA CYS A 1 -3.68 0.36 1.27
C CYS A 1 -4.90 1.30 1.16
N HYP A 2 -4.77 2.45 0.52
CA HYP A 2 -3.49 3.07 0.08
C HYP A 2 -2.60 3.41 1.29
O HYP A 2 -2.99 4.20 2.11
CB HYP A 2 -3.88 4.32 -0.72
CG HYP A 2 -5.40 4.19 -0.95
CD HYP A 2 -5.94 3.28 0.16
OD1 HYP A 2 -5.51 3.42 -2.13
HA HYP A 2 -2.97 2.39 -0.59
HB2 HYP A 2 -3.32 4.40 -1.63
HB3 HYP A 2 -3.69 5.20 -0.13
HG HYP A 2 -5.92 5.14 -1.05
HD22 HYP A 2 -6.75 2.64 -0.16
HD23 HYP A 2 -6.26 3.83 1.03
HD1 HYP A 2 -6.13 3.87 -2.70
N DTR A 3 -1.45 2.77 1.35
CA DTR A 3 -0.42 2.92 2.42
CB DTR A 3 -0.35 4.38 3.00
CG DTR A 3 0.05 5.49 2.03
CD1 DTR A 3 -0.79 6.03 1.14
NE1 DTR A 3 -0.04 6.94 0.53
CE2 DTR A 3 1.21 7.05 0.94
CZ2 DTR A 3 2.36 7.79 0.65
CH2 DTR A 3 3.53 7.56 1.36
CZ3 DTR A 3 3.57 6.59 2.36
CE3 DTR A 3 2.42 5.84 2.63
CD2 DTR A 3 1.25 6.09 1.93
C DTR A 3 0.91 2.59 1.77
O DTR A 3 1.72 3.39 1.37
H DTR A 3 -1.24 2.14 0.64
HA DTR A 3 -0.64 2.27 3.24
HB2 DTR A 3 0.41 4.34 3.76
HB3 DTR A 3 -1.27 4.66 3.50
HD1 DTR A 3 -1.82 5.74 1.00
HE1 DTR A 3 -0.38 7.51 -0.18
HZ2 DTR A 3 2.33 8.54 -0.12
HH2 DTR A 3 4.41 8.14 1.15
HZ3 DTR A 3 4.48 6.40 2.91
HE3 DTR A 3 2.40 5.08 3.39
N GLN A 4 1.12 1.30 1.68
CA GLN A 4 2.37 0.79 1.07
C GLN A 4 1.90 0.20 -0.24
N PRO A 5 2.40 0.65 -1.35
CA PRO A 5 1.79 0.29 -2.64
C PRO A 5 2.14 -1.16 -3.03
N TRP A 6 2.75 -1.86 -2.11
CA TRP A 6 3.11 -3.28 -2.36
C TRP A 6 2.23 -4.12 -1.45
N CY3 A 7 1.40 -3.44 -0.71
CA CY3 A 7 0.48 -4.07 0.25
C CY3 A 7 0.03 -5.49 -0.14
O CY3 A 7 0.37 -6.47 0.48
CB CY3 A 7 -0.77 -3.16 0.41
SG CY3 A 7 -1.57 -2.52 -1.08
N1 CY3 A 7 -0.73 -5.62 -1.19
H CY3 A 7 1.37 -2.46 -0.78
HA CY3 A 7 1.07 -4.13 1.15
HB2 CY3 A 7 -0.49 -2.32 1.03
HB3 CY3 A 7 -1.51 -3.71 0.96
HN11 CY3 A 7 -1.01 -4.83 -1.70
HN12 CY3 A 7 -1.04 -6.51 -1.45
N CYS A 1 -3.74 -0.82 2.10
CA CYS A 1 -3.41 0.33 1.23
C CYS A 1 -4.66 1.23 1.09
N HYP A 2 -4.57 2.35 0.42
CA HYP A 2 -3.31 2.99 -0.06
C HYP A 2 -2.46 3.52 1.13
O HYP A 2 -2.87 4.46 1.78
CB HYP A 2 -3.72 4.13 -1.01
CG HYP A 2 -5.27 4.12 -1.06
CD HYP A 2 -5.78 3.13 0.05
OD1 HYP A 2 -5.55 3.49 -2.30
HA HYP A 2 -2.72 2.27 -0.62
HB2 HYP A 2 -3.26 3.97 -1.98
HB3 HYP A 2 -3.39 5.08 -0.62
HG HYP A 2 -5.71 5.10 -0.99
HD22 HYP A 2 -6.55 2.47 -0.31
HD23 HYP A 2 -6.14 3.68 0.91
HD1 HYP A 2 -6.49 3.61 -2.45
N DTR A 3 -1.36 2.88 1.37
CA DTR A 3 -0.36 3.18 2.44
CB DTR A 3 -0.20 4.73 2.71
CG DTR A 3 0.15 5.62 1.52
CD1 DTR A 3 -0.75 6.09 0.63
NE1 DTR A 3 -0.02 6.83 -0.18
CE2 DTR A 3 1.28 6.91 0.07
CZ2 DTR A 3 2.41 7.52 -0.44
CH2 DTR A 3 3.65 7.34 0.17
CZ3 DTR A 3 3.73 6.52 1.30
CE3 DTR A 3 2.59 5.91 1.82
CD2 DTR A 3 1.37 6.10 1.19
C DTR A 3 0.95 2.64 1.89
O DTR A 3 1.92 3.29 1.62
H DTR A 3 -1.16 2.12 0.78
HA DTR A 3 -0.63 2.73 3.36
HB2 DTR A 3 0.59 4.80 3.42
HB3 DTR A 3 -1.09 5.11 3.18
HD1 DTR A 3 -1.79 5.87 0.63
HE1 DTR A 3 -0.41 7.32 -0.95
HZ2 DTR A 3 2.34 8.15 -1.32
HH2 DTR A 3 4.53 7.81 -0.22
HZ3 DTR A 3 4.69 6.38 1.78
HE3 DTR A 3 2.61 5.26 2.69
N GLN A 4 0.91 1.34 1.71
CA GLN A 4 2.10 0.64 1.16
C GLN A 4 1.61 0.13 -0.17
N PRO A 5 2.09 0.67 -1.25
CA PRO A 5 1.53 0.31 -2.56
C PRO A 5 1.98 -1.10 -2.96
N TRP A 6 2.62 -1.76 -2.04
CA TRP A 6 3.10 -3.14 -2.33
C TRP A 6 2.27 -4.10 -1.48
N CY3 A 7 1.40 -3.52 -0.71
CA CY3 A 7 0.49 -4.26 0.20
C CY3 A 7 0.12 -5.68 -0.23
O CY3 A 7 -0.16 -5.96 -1.37
CB CY3 A 7 -0.79 -3.42 0.38
SG CY3 A 7 -1.53 -2.74 -1.12
N1 CY3 A 7 0.09 -6.63 0.66
H CY3 A 7 1.32 -2.55 -0.75
HA CY3 A 7 1.07 -4.33 1.12
HB2 CY3 A 7 -0.58 -2.60 1.04
HB3 CY3 A 7 -1.53 -4.03 0.87
HN11 CY3 A 7 0.32 -6.45 1.59
HN12 CY3 A 7 -0.16 -7.53 0.36
N CYS A 1 -3.65 -0.79 2.13
CA CYS A 1 -3.40 0.37 1.23
C CYS A 1 -4.68 1.23 1.12
N HYP A 2 -4.63 2.37 0.45
CA HYP A 2 -3.37 3.04 -0.04
C HYP A 2 -2.56 3.48 1.19
O HYP A 2 -2.98 4.34 1.93
CB HYP A 2 -3.83 4.22 -0.89
CG HYP A 2 -5.34 4.07 -1.07
CD HYP A 2 -5.85 3.11 0.05
OD1 HYP A 2 -5.46 3.35 -2.28
HA HYP A 2 -2.80 2.36 -0.63
HB2 HYP A 2 -3.29 4.24 -1.84
HB3 HYP A 2 -3.63 5.15 -0.38
HG HYP A 2 -5.89 5.01 -1.10
HD22 HYP A 2 -6.60 2.40 -0.30
HD23 HYP A 2 -6.23 3.64 0.91
HD1 HYP A 2 -6.06 3.88 -2.84
N DTR A 3 -1.42 2.85 1.38
CA DTR A 3 -0.44 3.09 2.49
CB DTR A 3 -0.36 4.60 2.91
CG DTR A 3 0.05 5.61 1.83
CD1 DTR A 3 -0.78 6.06 0.87
NE1 DTR A 3 -0.02 6.91 0.20
CE2 DTR A 3 1.22 7.07 0.62
CZ2 DTR A 3 2.36 7.80 0.29
CH2 DTR A 3 3.52 7.65 1.05
CZ3 DTR A 3 3.54 6.77 2.14
CE3 DTR A 3 2.40 6.05 2.46
CD2 DTR A 3 1.24 6.21 1.70
C DTR A 3 0.90 2.66 1.90
O DTR A 3 1.84 3.40 1.65
H DTR A 3 -1.18 2.16 0.73
HA DTR A 3 -0.69 2.54 3.36
HB2 DTR A 3 0.38 4.64 3.68
HB3 DTR A 3 -1.28 4.93 3.36
HD1 DTR A 3 -1.80 5.75 0.74
HE1 DTR A 3 -0.36 7.41 -0.58
HZ2 DTR A 3 2.35 8.47 -0.54
HH2 DTR A 3 4.40 8.22 0.81
HZ3 DTR A 3 4.44 6.67 2.72
HE3 DTR A 3 2.37 5.35 3.29
N GLN A 4 0.94 1.39 1.71
CA GLN A 4 2.14 0.73 1.14
C GLN A 4 1.70 0.18 -0.20
N PRO A 5 2.20 0.67 -1.30
CA PRO A 5 1.66 0.30 -2.61
C PRO A 5 2.08 -1.12 -3.02
N TRP A 6 2.63 -1.83 -2.07
CA TRP A 6 3.09 -3.23 -2.32
C TRP A 6 2.24 -4.13 -1.45
N CY3 A 7 1.34 -3.52 -0.74
CA CY3 A 7 0.43 -4.23 0.19
C CY3 A 7 0.10 -5.67 -0.23
O CY3 A 7 -0.28 -5.95 -1.35
CB CY3 A 7 -0.88 -3.41 0.32
SG CY3 A 7 -1.54 -2.64 -1.17
N1 CY3 A 7 0.24 -6.64 0.62
H CY3 A 7 1.24 -2.55 -0.80
HA CY3 A 7 1.01 -4.25 1.11
HB2 CY3 A 7 -0.72 -2.63 1.05
HB3 CY3 A 7 -1.65 -4.07 0.72
HN11 CY3 A 7 0.55 -6.46 1.53
HN12 CY3 A 7 0.04 -7.56 0.34
N CYS A 1 -4.08 -0.47 2.82
CA CYS A 1 -3.75 0.35 1.62
C CYS A 1 -4.92 1.30 1.27
N HYP A 2 -4.73 2.25 0.39
CA HYP A 2 -3.40 2.63 -0.21
C HYP A 2 -2.52 3.23 0.92
O HYP A 2 -2.92 4.23 1.47
CB HYP A 2 -3.71 3.65 -1.33
CG HYP A 2 -5.25 3.88 -1.31
CD HYP A 2 -5.87 3.06 -0.13
OD1 HYP A 2 -5.71 3.35 -2.54
HA HYP A 2 -2.94 1.75 -0.63
HB2 HYP A 2 -3.35 3.29 -2.28
HB3 HYP A 2 -3.25 4.59 -1.11
HG HYP A 2 -5.50 4.93 -1.19
HD22 HYP A 2 -6.68 2.42 -0.40
HD23 HYP A 2 -6.19 3.72 0.67
HD1 HYP A 2 -6.64 3.57 -2.63
N DTR A 3 -1.40 2.61 1.22
CA DTR A 3 -0.42 3.07 2.27
CB DTR A 3 -0.35 4.62 2.37
CG DTR A 3 0.17 5.30 1.08
CD1 DTR A 3 -0.50 5.37 -0.08
NE1 DTR A 3 0.32 6.01 -0.89
CE2 DTR A 3 1.48 6.39 -0.37
CZ2 DTR A 3 2.64 7.06 -0.73
CH2 DTR A 3 3.66 7.23 0.19
CZ3 DTR A 3 3.52 6.74 1.48
CE3 DTR A 3 2.36 6.07 1.85
CD2 DTR A 3 1.35 5.91 0.92
C DTR A 3 0.97 2.55 1.88
O DTR A 3 1.96 3.25 1.86
H DTR A 3 -1.17 1.81 0.71
HA DTR A 3 -0.68 2.70 3.24
HB2 DTR A 3 0.36 4.83 3.13
HB3 DTR A 3 -1.28 5.08 2.67
HD1 DTR A 3 -1.48 4.98 -0.26
HE1 DTR A 3 0.08 6.20 -1.83
HZ2 DTR A 3 2.76 7.44 -1.73
HH2 DTR A 3 4.58 7.75 -0.09
HZ3 DTR A 3 4.32 6.87 2.22
HE3 DTR A 3 2.23 5.67 2.84
N GLN A 4 1.03 1.29 1.58
CA GLN A 4 2.32 0.68 1.17
C GLN A 4 1.92 0.22 -0.20
N PRO A 5 2.51 0.74 -1.24
CA PRO A 5 1.98 0.45 -2.59
C PRO A 5 2.37 -0.95 -3.05
N TRP A 6 2.70 -1.79 -2.09
CA TRP A 6 3.07 -3.20 -2.37
C TRP A 6 2.19 -4.08 -1.48
N CY3 A 7 1.32 -3.44 -0.77
CA CY3 A 7 0.39 -4.15 0.16
C CY3 A 7 -0.22 -5.48 -0.34
O CY3 A 7 -0.44 -5.69 -1.52
CB CY3 A 7 -0.77 -3.21 0.55
SG CY3 A 7 -2.27 -3.21 -0.46
N1 CY3 A 7 -0.52 -6.39 0.52
H CY3 A 7 1.24 -2.46 -0.84
HA CY3 A 7 1.03 -4.35 1.01
HB2 CY3 A 7 -0.41 -2.21 0.61
HB3 CY3 A 7 -1.07 -3.48 1.55
HN11 CY3 A 7 -0.35 -6.24 1.47
HN12 CY3 A 7 -0.91 -7.24 0.23
N CYS A 1 -2.49 0.06 1.89
CA CYS A 1 -3.24 0.47 0.68
C CYS A 1 -4.61 1.12 1.02
N HYP A 2 -4.79 2.39 0.77
CA HYP A 2 -3.73 3.34 0.32
C HYP A 2 -2.75 3.58 1.50
O HYP A 2 -3.06 4.37 2.38
CB HYP A 2 -4.42 4.62 -0.12
CG HYP A 2 -5.93 4.46 0.27
CD HYP A 2 -6.13 3.03 0.85
OD1 HYP A 2 -6.62 4.48 -0.97
HA HYP A 2 -3.18 2.92 -0.52
HB2 HYP A 2 -4.29 4.77 -1.17
HB3 HYP A 2 -4.02 5.48 0.40
HG HYP A 2 -6.27 5.23 0.94
HD22 HYP A 2 -6.85 2.46 0.27
HD23 HYP A 2 -6.44 3.06 1.89
HD1 HYP A 2 -6.24 5.18 -1.51
N DTR A 3 -1.65 2.88 1.48
CA DTR A 3 -0.58 2.98 2.53
CB DTR A 3 -0.37 4.45 3.05
CG DTR A 3 -0.10 5.50 1.98
CD1 DTR A 3 -1.05 6.10 1.24
NE1 DTR A 3 -0.38 6.93 0.46
CE2 DTR A 3 0.93 6.96 0.61
CZ2 DTR A 3 2.05 7.61 0.09
CH2 DTR A 3 3.33 7.29 0.57
CZ3 DTR A 3 3.48 6.34 1.58
CE3 DTR A 3 2.36 5.70 2.10
CD2 DTR A 3 1.10 6.01 1.62
C DTR A 3 0.71 2.53 1.84
O DTR A 3 1.60 3.24 1.46
H DTR A 3 -1.49 2.26 0.74
HA DTR A 3 -0.81 2.38 3.36
HB2 DTR A 3 0.48 4.41 3.71
HB3 DTR A 3 -1.22 4.75 3.65
HD1 DTR A 3 -2.11 5.92 1.31
HE1 DTR A 3 -0.83 7.51 -0.20
HZ2 DTR A 3 1.91 8.34 -0.69
HH2 DTR A 3 4.19 7.79 0.15
HZ3 DTR A 3 4.47 6.10 1.95
HE3 DTR A 3 2.43 4.95 2.88
N GLN A 4 0.76 1.22 1.67
CA GLN A 4 1.96 0.63 1.04
C GLN A 4 1.54 0.07 -0.30
N PRO A 5 2.09 0.58 -1.37
CA PRO A 5 1.63 0.16 -2.70
C PRO A 5 2.18 -1.26 -3.05
N TRP A 6 2.67 -1.94 -2.03
CA TRP A 6 3.24 -3.31 -2.21
C TRP A 6 2.41 -4.16 -1.25
N CY3 A 7 1.40 -3.58 -0.69
CA CY3 A 7 0.55 -4.33 0.24
C CY3 A 7 0.02 -5.60 -0.42
O CY3 A 7 -0.18 -5.68 -1.62
CB CY3 A 7 -0.67 -3.49 0.72
SG CY3 A 7 -2.11 -3.47 -0.36
N1 CY3 A 7 -0.24 -6.65 0.30
H CY3 A 7 1.17 -2.66 -0.87
HA CY3 A 7 1.23 -4.59 1.05
HB2 CY3 A 7 -0.37 -2.47 0.88
HB3 CY3 A 7 -1.01 -3.88 1.68
HN11 CY3 A 7 -0.17 -6.66 1.27
HN12 CY3 A 7 -0.64 -7.43 -0.14
N CYS A 1 -2.73 0.13 2.33
CA CYS A 1 -3.30 0.29 0.97
C CYS A 1 -4.65 1.04 1.07
N HYP A 2 -4.76 2.24 0.56
CA HYP A 2 -3.64 3.09 0.05
C HYP A 2 -2.66 3.56 1.17
O HYP A 2 -2.96 4.53 1.84
CB HYP A 2 -4.29 4.28 -0.66
CG HYP A 2 -5.79 4.29 -0.22
CD HYP A 2 -6.09 2.91 0.44
OD1 HYP A 2 -6.56 4.36 -1.41
HA HYP A 2 -3.09 2.50 -0.68
HB2 HYP A 2 -4.16 4.18 -1.73
HB3 HYP A 2 -3.85 5.22 -0.34
HG HYP A 2 -6.02 5.11 0.45
HD22 HYP A 2 -6.74 2.28 -0.16
HD23 HYP A 2 -6.51 3.01 1.43
HD1 HYP A 2 -6.31 3.63 -1.97
N DTR A 3 -1.57 2.86 1.32
CA DTR A 3 -0.48 3.15 2.33
CB DTR A 3 -0.27 4.69 2.54
CG DTR A 3 0.08 5.48 1.26
CD1 DTR A 3 -0.82 5.83 0.32
NE1 DTR A 3 -0.09 6.48 -0.57
CE2 DTR A 3 1.20 6.61 -0.32
CZ2 DTR A 3 2.34 7.17 -0.89
CH2 DTR A 3 3.56 7.06 -0.24
CZ3 DTR A 3 3.65 6.38 0.98
CE3 DTR A 3 2.50 5.82 1.54
CD2 DTR A 3 1.29 5.94 0.89
C DTR A 3 0.80 2.55 1.75
O DTR A 3 1.73 3.20 1.31
H DTR A 3 -1.43 2.09 0.75
HA DTR A 3 -0.71 2.74 3.28
HB2 DTR A 3 0.57 4.78 3.20
HB3 DTR A 3 -1.12 5.14 3.02
HD1 DTR A 3 -1.86 5.62 0.33
HE1 DTR A 3 -0.51 6.85 -1.39
HZ2 DTR A 3 2.26 7.69 -1.84
HH2 DTR A 3 4.45 7.49 -0.68
HZ3 DTR A 3 4.60 6.29 1.48
HE3 DTR A 3 2.51 5.27 2.47
N GLN A 4 0.85 1.25 1.78
CA GLN A 4 2.06 0.56 1.24
C GLN A 4 1.64 0.05 -0.11
N PRO A 5 2.16 0.61 -1.18
CA PRO A 5 1.63 0.29 -2.51
C PRO A 5 2.09 -1.11 -2.93
N TRP A 6 2.67 -1.83 -2.01
CA TRP A 6 3.13 -3.19 -2.33
C TRP A 6 2.24 -4.17 -1.56
N CY3 A 7 1.41 -3.58 -0.72
CA CY3 A 7 0.45 -4.33 0.14
C CY3 A 7 -0.02 -5.67 -0.45
O CY3 A 7 -0.27 -5.80 -1.63
CB CY3 A 7 -0.76 -3.39 0.45
SG CY3 A 7 -2.47 -3.96 0.32
N1 CY3 A 7 -0.16 -6.69 0.34
H CY3 A 7 1.41 -2.60 -0.68
HA CY3 A 7 1.03 -4.50 1.04
HB2 CY3 A 7 -0.69 -2.54 -0.22
HB3 CY3 A 7 -0.63 -3.00 1.45
HN11 CY3 A 7 0.03 -6.62 1.28
HN12 CY3 A 7 -0.46 -7.54 -0.05
N CYS A 1 -4.26 -0.30 3.07
CA CYS A 1 -3.79 0.51 1.91
C CYS A 1 -4.98 1.31 1.33
N HYP A 2 -4.79 2.17 0.35
CA HYP A 2 -3.46 2.55 -0.24
C HYP A 2 -2.56 3.20 0.81
O HYP A 2 -2.94 4.23 1.34
CB HYP A 2 -3.78 3.50 -1.42
CG HYP A 2 -5.32 3.73 -1.42
CD HYP A 2 -5.93 2.89 -0.26
OD1 HYP A 2 -5.80 3.26 -2.67
HA HYP A 2 -2.98 1.66 -0.63
HB2 HYP A 2 -3.42 3.08 -2.35
HB3 HYP A 2 -3.29 4.45 -1.27
HG HYP A 2 -5.56 4.79 -1.25
HD22 HYP A 2 -6.68 2.16 -0.58
HD23 HYP A 2 -6.38 3.52 0.49
HD1 HYP A 2 -6.71 3.59 -2.76
N DTR A 3 -1.44 2.61 1.13
CA DTR A 3 -0.44 3.11 2.14
CB DTR A 3 -0.36 4.69 2.18
CG DTR A 3 0.10 5.32 0.85
CD1 DTR A 3 -0.66 5.43 -0.24
NE1 DTR A 3 0.13 6.01 -1.12
CE2 DTR A 3 1.36 6.31 -0.71
CZ2 DTR A 3 2.53 6.90 -1.18
CH2 DTR A 3 3.63 7.02 -0.34
CZ3 DTR A 3 3.58 6.55 0.96
CE3 DTR A 3 2.40 5.96 1.43
CD2 DTR A 3 1.31 5.85 0.59
C DTR A 3 0.97 2.58 1.78
O DTR A 3 1.95 3.30 1.68
H DTR A 3 -1.21 1.78 0.66
HA DTR A 3 -0.69 2.79 3.13
HB2 DTR A 3 0.38 4.90 2.91
HB3 DTR A 3 -1.29 5.15 2.50
HD1 DTR A 3 -1.67 5.10 -0.33
HE1 DTR A 3 -0.19 6.21 -2.03
HZ2 DTR A 3 2.58 7.27 -2.19
HH2 DTR A 3 4.55 7.47 -0.71
HZ3 DTR A 3 4.44 6.65 1.62
HE3 DTR A 3 2.33 5.57 2.43
N GLN A 4 1.06 1.29 1.60
CA GLN A 4 2.38 0.71 1.24
C GLN A 4 2.06 0.17 -0.13
N PRO A 5 2.58 0.74 -1.18
CA PRO A 5 2.03 0.46 -2.52
C PRO A 5 2.38 -0.96 -3.00
N TRP A 6 2.78 -1.79 -2.07
CA TRP A 6 3.14 -3.20 -2.38
C TRP A 6 2.24 -4.10 -1.54
N CY3 A 7 1.31 -3.49 -0.86
CA CY3 A 7 0.37 -4.21 0.03
C CY3 A 7 -0.24 -5.53 -0.51
O CY3 A 7 -1.37 -5.60 -0.98
CB CY3 A 7 -0.78 -3.23 0.41
SG CY3 A 7 -1.16 -1.89 -0.73
N1 CY3 A 7 0.45 -6.62 -0.44
H CY3 A 7 1.22 -2.51 -0.92
HA CY3 A 7 1.01 -4.41 0.87
HB2 CY3 A 7 -0.53 -2.79 1.35
HB3 CY3 A 7 -1.68 -3.79 0.56
HN11 CY3 A 7 1.36 -6.60 -0.07
HN12 CY3 A 7 0.06 -7.48 -0.72
N CYS A 1 -2.32 0.17 1.81
CA CYS A 1 -3.04 0.43 0.54
C CYS A 1 -4.45 1.02 0.80
N HYP A 2 -4.67 2.29 0.54
CA HYP A 2 -3.61 3.28 0.22
C HYP A 2 -2.71 3.53 1.46
O HYP A 2 -3.08 4.28 2.34
CB HYP A 2 -4.35 4.56 -0.21
CG HYP A 2 -5.86 4.15 -0.30
CD HYP A 2 -6.04 2.87 0.53
OD1 HYP A 2 -6.00 3.76 -1.66
HA HYP A 2 -3.01 2.91 -0.59
HB2 HYP A 2 -3.96 4.91 -1.16
HB3 HYP A 2 -4.23 5.34 0.52
HG HYP A 2 -6.54 4.96 -0.04
HD22 HYP A 2 -6.72 2.17 0.07
HD23 HYP A 2 -6.35 3.09 1.54
HD1 HYP A 2 -5.46 4.35 -2.20
N DTR A 3 -1.60 2.84 1.52
CA DTR A 3 -0.57 2.92 2.61
CB DTR A 3 -0.42 4.36 3.20
CG DTR A 3 -0.02 5.46 2.20
CD1 DTR A 3 -0.87 6.03 1.33
NE1 DTR A 3 -0.12 6.92 0.71
CE2 DTR A 3 1.15 7.01 1.08
CZ2 DTR A 3 2.30 7.71 0.77
CH2 DTR A 3 3.48 7.44 1.45
CZ3 DTR A 3 3.52 6.46 2.44
CE3 DTR A 3 2.36 5.75 2.75
CD2 DTR A 3 1.19 6.03 2.05
C DTR A 3 0.73 2.53 1.93
O DTR A 3 1.61 3.29 1.57
H DTR A 3 -1.40 2.22 0.79
HA DTR A 3 -0.81 2.27 3.40
HB2 DTR A 3 0.37 4.29 3.92
HB3 DTR A 3 -1.30 4.67 3.73
HD1 DTR A 3 -1.91 5.79 1.22
HE1 DTR A 3 -0.48 7.51 0.01
HZ2 DTR A 3 2.29 8.48 0.01
HH2 DTR A 3 4.39 8.00 1.21
HZ3 DTR A 3 4.44 6.26 2.96
HE3 DTR A 3 2.35 4.97 3.49
N GLN A 4 0.80 1.24 1.75
CA GLN A 4 1.99 0.64 1.09
C GLN A 4 1.51 0.11 -0.23
N PRO A 5 1.98 0.65 -1.32
CA PRO A 5 1.44 0.23 -2.62
C PRO A 5 1.96 -1.15 -3.02
N TRP A 6 2.48 -1.85 -2.04
CA TRP A 6 3.00 -3.21 -2.31
C TRP A 6 2.25 -4.14 -1.37
N CY3 A 7 1.36 -3.58 -0.59
CA CY3 A 7 0.60 -4.39 0.37
C CY3 A 7 0.16 -5.74 -0.23
O CY3 A 7 -0.32 -5.80 -1.35
CB CY3 A 7 -0.66 -3.61 0.85
SG CY3 A 7 -2.16 -3.69 -0.15
N1 CY3 A 7 0.29 -6.85 0.42
H CY3 A 7 1.20 -2.61 -0.65
HA CY3 A 7 1.30 -4.56 1.18
HB2 CY3 A 7 -0.40 -2.57 0.97
HB3 CY3 A 7 -0.92 -3.99 1.83
HN11 CY3 A 7 0.66 -6.83 1.32
HN12 CY3 A 7 0.00 -7.69 0.01
N CYS A 1 -3.57 -1.12 1.60
CA CYS A 1 -3.48 0.19 0.89
C CYS A 1 -4.75 1.04 1.12
N HYP A 2 -4.75 2.31 0.75
CA HYP A 2 -3.57 3.08 0.24
C HYP A 2 -2.56 3.46 1.35
O HYP A 2 -2.90 4.30 2.15
CB HYP A 2 -4.15 4.34 -0.42
CG HYP A 2 -5.64 4.43 0.06
CD HYP A 2 -5.98 3.13 0.83
OD1 HYP A 2 -6.42 4.44 -1.12
HA HYP A 2 -3.06 2.49 -0.51
HB2 HYP A 2 -4.04 4.31 -1.50
HB3 HYP A 2 -3.65 5.23 -0.06
HG HYP A 2 -5.80 5.32 0.66
HD22 HYP A 2 -6.80 2.58 0.37
HD23 HYP A 2 -6.23 3.32 1.86
HD1 HYP A 2 -6.15 5.19 -1.65
N DTR A 3 -1.41 2.84 1.38
CA DTR A 3 -0.32 3.12 2.40
CB DTR A 3 -0.25 4.63 2.78
CG DTR A 3 0.07 5.56 1.60
CD1 DTR A 3 -0.75 5.83 0.58
NE1 DTR A 3 -0.06 6.67 -0.17
CE2 DTR A 3 1.16 6.99 0.26
CZ2 DTR A 3 2.26 7.77 -0.10
CH2 DTR A 3 3.38 7.80 0.72
CZ3 DTR A 3 3.42 7.05 1.89
CE3 DTR A 3 2.32 6.27 2.24
CD2 DTR A 3 1.21 6.24 1.43
C DTR A 3 1.01 2.74 1.74
O DTR A 3 1.85 3.51 1.31
H DTR A 3 -1.21 2.16 0.71
HA DTR A 3 -0.46 2.56 3.29
HB2 DTR A 3 0.55 4.71 3.48
HB3 DTR A 3 -1.14 4.99 3.29
HD1 DTR A 3 -1.74 5.46 0.45
HE1 DTR A 3 -0.42 7.02 -1.00
HZ2 DTR A 3 2.23 8.35 -1.01
HH2 DTR A 3 4.24 8.42 0.43
HZ3 DTR A 3 4.30 7.09 2.52
HE3 DTR A 3 2.32 5.66 3.14
N GLN A 4 1.13 1.44 1.67
CA GLN A 4 2.35 0.82 1.08
C GLN A 4 1.86 0.23 -0.22
N PRO A 5 2.37 0.66 -1.33
CA PRO A 5 1.75 0.30 -2.61
C PRO A 5 2.08 -1.16 -2.98
N TRP A 6 2.65 -1.86 -2.03
CA TRP A 6 3.02 -3.30 -2.28
C TRP A 6 2.11 -4.13 -1.38
N CY3 A 7 1.28 -3.43 -0.67
CA CY3 A 7 0.30 -4.01 0.28
C CY3 A 7 -0.19 -5.42 -0.08
O CY3 A 7 -0.27 -6.31 0.75
CB CY3 A 7 -0.88 -3.04 0.35
SG CY3 A 7 -1.29 -2.26 -1.23
N1 CY3 A 7 -0.54 -5.66 -1.29
H CY3 A 7 1.28 -2.46 -0.75
HA CY3 A 7 0.88 -4.04 1.20
HB2 CY3 A 7 -0.66 -2.27 1.06
HB3 CY3 A 7 -1.76 -3.58 0.69
HN11 CY3 A 7 -0.47 -4.93 -1.96
HN12 CY3 A 7 -0.84 -6.55 -1.56
N CYS A 1 -4.39 -0.28 2.94
CA CYS A 1 -3.86 0.53 1.81
C CYS A 1 -5.02 1.38 1.25
N HYP A 2 -4.76 2.27 0.33
CA HYP A 2 -3.40 2.61 -0.20
C HYP A 2 -2.51 3.26 0.88
O HYP A 2 -2.87 4.29 1.40
CB HYP A 2 -3.64 3.58 -1.39
CG HYP A 2 -5.19 3.72 -1.54
CD HYP A 2 -5.85 3.06 -0.30
OD1 HYP A 2 -5.55 2.87 -2.61
HA HYP A 2 -2.93 1.72 -0.58
HB2 HYP A 2 -3.16 3.20 -2.29
HB3 HYP A 2 -3.24 4.55 -1.16
HG HYP A 2 -5.52 4.73 -1.70
HD22 HYP A 2 -6.67 2.40 -0.56
HD23 HYP A 2 -6.20 3.80 0.41
HD1 HYP A 2 -6.31 3.28 -3.04
N DTR A 3 -1.41 2.63 1.20
CA DTR A 3 -0.40 3.09 2.23
CB DTR A 3 -0.31 4.66 2.31
CG DTR A 3 0.21 5.34 1.03
CD1 DTR A 3 -0.49 5.46 -0.10
NE1 DTR A 3 0.33 6.10 -0.91
CE2 DTR A 3 1.51 6.43 -0.42
CZ2 DTR A 3 2.67 7.07 -0.83
CH2 DTR A 3 3.73 7.21 0.07
CZ3 DTR A 3 3.63 6.68 1.36
CE3 DTR A 3 2.47 6.04 1.75
CD2 DTR A 3 1.41 5.92 0.86
C DTR A 3 0.99 2.55 1.84
O DTR A 3 1.98 3.25 1.79
H DTR A 3 -1.20 1.80 0.73
HA DTR A 3 -0.67 2.75 3.20
HB2 DTR A 3 0.40 4.84 3.08
HB3 DTR A 3 -1.24 5.11 2.62
HD1 DTR A 3 -1.49 5.10 -0.26
HE1 DTR A 3 0.07 6.33 -1.83
HZ2 DTR A 3 2.75 7.47 -1.82
HH2 DTR A 3 4.64 7.72 -0.25
HZ3 DTR A 3 4.47 6.80 2.03
HE3 DTR A 3 2.35 5.61 2.73
N GLN A 4 1.04 1.28 1.60
CA GLN A 4 2.34 0.67 1.20
C GLN A 4 1.98 0.14 -0.15
N PRO A 5 2.46 0.71 -1.22
CA PRO A 5 1.86 0.41 -2.54
C PRO A 5 2.26 -1.02 -2.99
N TRP A 6 2.78 -1.79 -2.06
CA TRP A 6 3.19 -3.18 -2.39
C TRP A 6 2.27 -4.11 -1.58
N CY3 A 7 1.39 -3.50 -0.82
CA CY3 A 7 0.44 -4.22 0.05
C CY3 A 7 0.04 -5.62 -0.45
O CY3 A 7 -0.79 -5.80 -1.32
CB CY3 A 7 -0.85 -3.35 0.24
SG CY3 A 7 -1.17 -1.93 -0.83
N1 CY3 A 7 0.61 -6.67 0.08
H CY3 A 7 1.35 -2.53 -0.84
HA CY3 A 7 1.00 -4.31 0.98
HB2 CY3 A 7 -0.84 -2.98 1.26
HB3 CY3 A 7 -1.72 -3.99 0.16
HN11 CY3 A 7 1.28 -6.55 0.78
HN12 CY3 A 7 0.35 -7.56 -0.23
N CYS A 1 -2.09 0.19 1.47
CA CYS A 1 -2.92 0.56 0.28
C CYS A 1 -4.36 1.02 0.68
N HYP A 2 -4.65 2.29 0.63
CA HYP A 2 -3.67 3.39 0.42
C HYP A 2 -2.78 3.55 1.67
O HYP A 2 -3.14 4.23 2.62
CB HYP A 2 -4.52 4.65 0.12
CG HYP A 2 -6.00 4.15 0.04
CD HYP A 2 -6.05 2.77 0.75
OD1 HYP A 2 -6.16 3.84 -1.33
HA HYP A 2 -3.05 3.17 -0.43
HB2 HYP A 2 -4.18 5.13 -0.78
HB3 HYP A 2 -4.44 5.36 0.93
HG HYP A 2 -6.73 4.87 0.39
HD22 HYP A 2 -6.73 2.08 0.27
HD23 HYP A 2 -6.31 2.88 1.80
HD1 HYP A 2 -5.58 3.10 -1.53
N DTR A 3 -1.67 2.88 1.64
CA DTR A 3 -0.63 2.87 2.70
CB DTR A 3 -0.44 4.26 3.41
CG DTR A 3 -0.12 5.46 2.52
CD1 DTR A 3 -1.03 6.13 1.78
NE1 DTR A 3 -0.33 7.08 1.20
CE2 DTR A 3 0.97 7.11 1.47
CZ2 DTR A 3 2.11 7.85 1.14
CH2 DTR A 3 3.34 7.51 1.70
CZ3 DTR A 3 3.45 6.43 2.56
CE3 DTR A 3 2.30 5.68 2.88
CD2 DTR A 3 1.08 6.04 2.33
C DTR A 3 0.68 2.52 1.98
O DTR A 3 1.54 3.30 1.65
H DTR A 3 -1.48 2.33 0.85
HA DTR A 3 -0.85 2.16 3.46
HB2 DTR A 3 0.38 4.13 4.09
HB3 DTR A 3 -1.31 4.50 4.01
HD1 DTR A 3 -2.08 5.90 1.73
HE1 DTR A 3 -0.76 7.73 0.59
HZ2 DTR A 3 2.04 8.70 0.48
HH2 DTR A 3 4.23 8.09 1.45
HZ3 DTR A 3 4.40 6.15 2.98
HE3 DTR A 3 2.34 4.83 3.54
N GLN A 4 0.75 1.25 1.74
CA GLN A 4 1.94 0.68 1.05
C GLN A 4 1.47 0.10 -0.27
N PRO A 5 1.95 0.61 -1.36
CA PRO A 5 1.39 0.17 -2.66
C PRO A 5 1.91 -1.22 -3.05
N TRP A 6 2.48 -1.89 -2.09
CA TRP A 6 3.01 -3.26 -2.35
C TRP A 6 2.25 -4.19 -1.40
N CY3 A 7 1.42 -3.60 -0.60
CA CY3 A 7 0.60 -4.33 0.41
C CY3 A 7 0.23 -5.78 0.04
O CY3 A 7 0.44 -6.72 0.80
CB CY3 A 7 -0.70 -3.54 0.66
SG CY3 A 7 -1.87 -3.43 -0.70
N1 CY3 A 7 -0.31 -5.99 -1.11
H CY3 A 7 1.30 -2.62 -0.66
HA CY3 A 7 1.25 -4.34 1.28
HB2 CY3 A 7 -0.45 -2.54 0.98
HB3 CY3 A 7 -1.20 -4.01 1.49
HN11 CY3 A 7 -0.48 -5.24 -1.73
HN12 CY3 A 7 -0.52 -6.90 -1.40
N CYS A 1 -3.65 -0.55 2.43
CA CYS A 1 -3.54 0.40 1.28
C CYS A 1 -4.85 1.24 1.19
N HYP A 2 -4.83 2.44 0.63
CA HYP A 2 -3.63 3.16 0.07
C HYP A 2 -2.62 3.64 1.13
O HYP A 2 -2.89 4.62 1.81
CB HYP A 2 -4.20 4.34 -0.73
CG HYP A 2 -5.67 4.54 -0.24
CD HYP A 2 -6.10 3.22 0.48
OD1 HYP A 2 -6.45 4.68 -1.41
HA HYP A 2 -3.13 2.48 -0.60
HB2 HYP A 2 -4.12 4.15 -1.80
HB3 HYP A 2 -3.65 5.25 -0.52
HG HYP A 2 -5.77 5.39 0.41
HD22 HYP A 2 -6.81 2.65 -0.09
HD23 HYP A 2 -6.50 3.42 1.46
HD1 HYP A 2 -6.44 3.84 -1.89
N DTR A 3 -1.52 2.94 1.28
CA DTR A 3 -0.41 3.27 2.24
CB DTR A 3 -0.20 4.81 2.41
CG DTR A 3 0.12 5.57 1.10
CD1 DTR A 3 -0.80 5.91 0.20
NE1 DTR A 3 -0.11 6.53 -0.74
CE2 DTR A 3 1.19 6.64 -0.54
CZ2 DTR A 3 2.31 7.18 -1.18
CH2 DTR A 3 3.57 7.05 -0.57
CZ3 DTR A 3 3.68 6.41 0.67
CE3 DTR A 3 2.56 5.89 1.28
CD2 DTR A 3 1.31 6.00 0.67
C DTR A 3 0.89 2.67 1.68
O DTR A 3 1.81 3.32 1.22
H DTR A 3 -1.40 2.16 0.71
HA DTR A 3 -0.61 2.89 3.21
HB2 DTR A 3 0.65 4.91 3.04
HB3 DTR A 3 -1.03 5.27 2.91
HD1 DTR A 3 -1.86 5.73 0.26
HE1 DTR A 3 -0.54 6.90 -1.54
HZ2 DTR A 3 2.20 7.67 -2.13
HH2 DTR A 3 4.44 7.46 -1.06
HZ3 DTR A 3 4.65 6.33 1.14
HE3 DTR A 3 2.61 5.36 2.23
N GLN A 4 0.97 1.37 1.73
CA GLN A 4 2.20 0.71 1.22
C GLN A 4 1.79 0.06 -0.09
N PRO A 5 2.25 0.57 -1.19
CA PRO A 5 1.67 0.20 -2.49
C PRO A 5 2.10 -1.21 -2.89
N TRP A 6 2.80 -1.86 -2.00
CA TRP A 6 3.26 -3.24 -2.31
C TRP A 6 2.36 -4.21 -1.57
N CY3 A 7 1.48 -3.63 -0.79
CA CY3 A 7 0.53 -4.41 0.03
C CY3 A 7 0.07 -5.72 -0.63
O CY3 A 7 -0.39 -5.74 -1.76
CB CY3 A 7 -0.73 -3.51 0.36
SG CY3 A 7 -1.90 -3.01 -0.94
N1 CY3 A 7 0.18 -6.84 0.00
H CY3 A 7 1.45 -2.66 -0.73
HA CY3 A 7 1.11 -4.60 0.92
HB2 CY3 A 7 -0.38 -2.60 0.83
HB3 CY3 A 7 -1.31 -4.04 1.09
HN11 CY3 A 7 0.54 -6.86 0.91
HN12 CY3 A 7 -0.09 -7.68 -0.43
N CYS A 1 -4.42 -0.40 2.77
CA CYS A 1 -3.89 0.48 1.68
C CYS A 1 -5.05 1.37 1.18
N HYP A 2 -4.78 2.34 0.32
CA HYP A 2 -3.42 2.73 -0.18
C HYP A 2 -2.53 3.23 0.98
O HYP A 2 -2.92 4.18 1.63
CB HYP A 2 -3.67 3.80 -1.26
CG HYP A 2 -5.20 4.10 -1.28
CD HYP A 2 -5.88 3.18 -0.23
OD1 HYP A 2 -5.64 3.70 -2.56
HA HYP A 2 -2.97 1.86 -0.64
HB2 HYP A 2 -3.29 3.49 -2.22
HB3 HYP A 2 -3.16 4.72 -1.00
HG HYP A 2 -5.42 5.14 -1.09
HD22 HYP A 2 -6.65 2.54 -0.66
HD23 HYP A 2 -6.32 3.76 0.57
HD1 HYP A 2 -6.56 3.99 -2.65
N DTR A 3 -1.41 2.60 1.23
CA DTR A 3 -0.42 2.95 2.31
CB DTR A 3 -0.35 4.51 2.56
CG DTR A 3 0.12 5.34 1.35
CD1 DTR A 3 -0.64 5.60 0.27
NE1 DTR A 3 0.16 6.31 -0.50
CE2 DTR A 3 1.38 6.54 -0.06
CZ2 DTR A 3 2.55 7.18 -0.43
CH2 DTR A 3 3.67 7.16 0.41
CZ3 DTR A 3 3.60 6.51 1.64
CE3 DTR A 3 2.43 5.87 2.02
CD2 DTR A 3 1.33 5.88 1.17
C DTR A 3 0.98 2.49 1.87
O DTR A 3 1.95 3.22 1.77
H DTR A 3 -1.18 1.84 0.66
HA DTR A 3 -0.69 2.50 3.23
HB2 DTR A 3 0.38 4.63 3.33
HB3 DTR A 3 -1.28 4.92 2.93
HD1 DTR A 3 -1.65 5.30 0.15
HE1 DTR A 3 -0.16 6.64 -1.38
HZ2 DTR A 3 2.63 7.67 -1.38
HH2 DTR A 3 4.58 7.67 0.12
HZ3 DTR A 3 4.46 6.50 2.30
HE3 DTR A 3 2.35 5.35 2.96
N GLN A 4 1.10 1.21 1.61
CA GLN A 4 2.43 0.68 1.17
C GLN A 4 2.04 0.15 -0.18
N PRO A 5 2.50 0.69 -1.26
CA PRO A 5 1.85 0.40 -2.55
C PRO A 5 2.13 -1.03 -3.01
N TRP A 6 2.79 -1.78 -2.14
CA TRP A 6 3.12 -3.21 -2.45
C TRP A 6 2.24 -4.10 -1.58
N CY3 A 7 1.49 -3.45 -0.74
CA CY3 A 7 0.56 -4.11 0.20
C CY3 A 7 0.00 -5.44 -0.29
O CY3 A 7 0.29 -6.52 0.24
CB CY3 A 7 -0.62 -3.14 0.51
SG CY3 A 7 -1.21 -2.05 -0.81
N1 CY3 A 7 -0.80 -5.42 -1.30
H CY3 A 7 1.51 -2.47 -0.76
HA CY3 A 7 1.19 -4.27 1.07
HB2 CY3 A 7 -0.32 -2.51 1.34
HB3 CY3 A 7 -1.46 -3.72 0.86
HN11 CY3 A 7 -1.01 -4.55 -1.70
HN12 CY3 A 7 -1.19 -6.24 -1.65
N CYS A 1 -2.73 -0.05 1.94
CA CYS A 1 -3.31 0.45 0.67
C CYS A 1 -4.65 1.19 0.93
N HYP A 2 -4.76 2.48 0.65
CA HYP A 2 -3.64 3.39 0.29
C HYP A 2 -2.71 3.56 1.50
O HYP A 2 -3.05 4.30 2.41
CB HYP A 2 -4.26 4.72 -0.15
CG HYP A 2 -5.77 4.64 0.22
CD HYP A 2 -6.08 3.16 0.67
OD1 HYP A 2 -6.49 4.90 -0.97
HA HYP A 2 -3.07 2.95 -0.53
HB2 HYP A 2 -4.08 4.91 -1.19
HB3 HYP A 2 -3.83 5.53 0.41
HG HYP A 2 -6.00 5.35 1.01
HD22 HYP A 2 -6.75 2.66 0.00
HD23 HYP A 2 -6.48 3.13 1.67
HD1 HYP A 2 -6.48 4.09 -1.49
N DTR A 3 -1.61 2.88 1.50
CA DTR A 3 -0.57 2.91 2.57
CB DTR A 3 -0.38 4.34 3.21
CG DTR A 3 -0.10 5.52 2.25
CD1 DTR A 3 -1.04 6.15 1.52
NE1 DTR A 3 -0.36 7.09 0.88
CE2 DTR A 3 0.94 7.13 1.10
CZ2 DTR A 3 2.07 7.86 0.72
CH2 DTR A 3 3.32 7.54 1.24
CZ3 DTR A 3 3.44 6.48 2.15
CE3 DTR A 3 2.32 5.75 2.53
CD2 DTR A 3 1.08 6.09 2.00
C DTR A 3 0.74 2.52 1.87
O DTR A 3 1.60 3.27 1.50
H DTR A 3 -1.43 2.29 0.73
HA DTR A 3 -0.81 2.25 3.36
HB2 DTR A 3 0.45 4.27 3.87
HB3 DTR A 3 -1.25 4.58 3.80
HD1 DTR A 3 -2.08 5.91 1.52
HE1 DTR A 3 -0.80 7.72 0.27
HZ2 DTR A 3 1.97 8.69 0.01
HH2 DTR A 3 4.19 8.11 0.96
HZ3 DTR A 3 4.42 6.23 2.56
HE3 DTR A 3 2.38 4.91 3.20
N GLN A 4 0.80 1.23 1.70
CA GLN A 4 1.98 0.61 1.06
C GLN A 4 1.55 0.08 -0.29
N PRO A 5 2.07 0.59 -1.36
CA PRO A 5 1.58 0.18 -2.69
C PRO A 5 2.12 -1.20 -3.06
N TRP A 6 2.63 -1.88 -2.07
CA TRP A 6 3.18 -3.24 -2.29
C TRP A 6 2.36 -4.20 -1.42
N CY3 A 7 1.48 -3.60 -0.64
CA CY3 A 7 0.61 -4.34 0.30
C CY3 A 7 0.19 -5.74 -0.20
O CY3 A 7 -0.71 -5.91 -1.00
CB CY3 A 7 -0.68 -3.46 0.59
SG CY3 A 7 -2.03 -3.40 -0.61
N1 CY3 A 7 0.81 -6.80 0.22
H CY3 A 7 1.39 -2.62 -0.69
HA CY3 A 7 1.22 -4.44 1.19
HB2 CY3 A 7 -0.37 -2.44 0.78
HB3 CY3 A 7 -1.09 -3.84 1.51
HN11 CY3 A 7 1.54 -6.73 0.86
HN12 CY3 A 7 0.52 -7.67 -0.11
N CYS A 1 -3.32 -0.29 2.43
CA CYS A 1 -3.45 0.29 1.07
C CYS A 1 -4.71 1.20 0.95
N HYP A 2 -4.60 2.35 0.33
CA HYP A 2 -3.32 3.01 -0.06
C HYP A 2 -2.52 3.46 1.19
O HYP A 2 -2.96 4.34 1.90
CB HYP A 2 -3.71 4.21 -0.93
CG HYP A 2 -5.24 4.14 -1.12
CD HYP A 2 -5.79 3.14 -0.06
OD1 HYP A 2 -5.39 3.50 -2.38
HA HYP A 2 -2.74 2.33 -0.65
HB2 HYP A 2 -3.16 4.19 -1.86
HB3 HYP A 2 -3.47 5.13 -0.43
HG HYP A 2 -5.73 5.10 -1.11
HD22 HYP A 2 -6.56 2.49 -0.46
HD23 HYP A 2 -6.18 3.66 0.81
HD1 HYP A 2 -6.24 3.77 -2.74
N DTR A 3 -1.42 2.81 1.42
CA DTR A 3 -0.46 3.05 2.55
CB DTR A 3 -0.35 4.55 2.97
CG DTR A 3 0.09 5.53 1.87
CD1 DTR A 3 -0.71 6.00 0.90
NE1 DTR A 3 0.06 6.81 0.21
CE2 DTR A 3 1.32 6.94 0.62
CZ2 DTR A 3 2.47 7.63 0.28
CH2 DTR A 3 3.63 7.46 1.04
CZ3 DTR A 3 3.62 6.60 2.13
CE3 DTR A 3 2.45 5.91 2.47
CD2 DTR A 3 1.31 6.09 1.71
C DTR A 3 0.88 2.58 1.97
O DTR A 3 1.85 3.26 1.78
H DTR A 3 -1.17 2.11 0.79
HA DTR A 3 -0.73 2.50 3.42
HB2 DTR A 3 0.40 4.59 3.73
HB3 DTR A 3 -1.28 4.90 3.39
HD1 DTR A 3 -1.75 5.73 0.77
HE1 DTR A 3 -0.28 7.30 -0.57
HZ2 DTR A 3 2.48 8.30 -0.56
HH2 DTR A 3 4.53 7.99 0.78
HZ3 DTR A 3 4.51 6.47 2.72
HE3 DTR A 3 2.41 5.23 3.31
N GLN A 4 0.86 1.30 1.71
CA GLN A 4 2.06 0.63 1.14
C GLN A 4 1.59 0.14 -0.21
N PRO A 5 2.10 0.65 -1.29
CA PRO A 5 1.56 0.30 -2.61
C PRO A 5 2.01 -1.11 -3.01
N TRP A 6 2.63 -1.78 -2.07
CA TRP A 6 3.11 -3.16 -2.34
C TRP A 6 2.27 -4.11 -1.50
N CY3 A 7 1.42 -3.51 -0.69
CA CY3 A 7 0.54 -4.29 0.23
C CY3 A 7 0.12 -5.67 -0.29
O CY3 A 7 -0.16 -5.89 -1.44
CB CY3 A 7 -0.75 -3.45 0.56
SG CY3 A 7 -2.20 -3.50 -0.53
N1 CY3 A 7 0.06 -6.66 0.55
H CY3 A 7 1.35 -2.53 -0.68
HA CY3 A 7 1.13 -4.40 1.12
HB2 CY3 A 7 -0.47 -2.42 0.67
HB3 CY3 A 7 -1.09 -3.79 1.52
HN11 CY3 A 7 0.29 -6.53 1.49
HN12 CY3 A 7 -0.19 -7.55 0.24
N CYS A 1 -2.47 0.13 2.12
CA CYS A 1 -3.23 0.29 0.85
C CYS A 1 -4.59 1.02 1.09
N HYP A 2 -4.74 2.23 0.62
CA HYP A 2 -3.65 3.08 0.07
C HYP A 2 -2.66 3.54 1.18
O HYP A 2 -2.96 4.50 1.87
CB HYP A 2 -4.33 4.29 -0.59
CG HYP A 2 -5.86 4.11 -0.38
CD HYP A 2 -6.08 2.90 0.59
OD1 HYP A 2 -6.39 3.75 -1.65
HA HYP A 2 -3.13 2.52 -0.70
HB2 HYP A 2 -4.03 4.34 -1.63
HB3 HYP A 2 -4.03 5.20 -0.11
HG HYP A 2 -6.32 5.02 -0.01
HD22 HYP A 2 -6.83 2.21 0.24
HD23 HYP A 2 -6.32 3.24 1.58
HD1 HYP A 2 -6.52 4.57 -2.16
N DTR A 3 -1.57 2.84 1.36
CA DTR A 3 -0.51 3.12 2.38
CB DTR A 3 -0.30 4.67 2.62
CG DTR A 3 0.07 5.50 1.38
CD1 DTR A 3 -0.77 5.85 0.40
NE1 DTR A 3 -0.02 6.56 -0.41
CE2 DTR A 3 1.25 6.72 -0.08
CZ2 DTR A 3 2.41 7.33 -0.56
CH2 DTR A 3 3.59 7.23 0.16
CZ3 DTR A 3 3.63 6.51 1.34
CE3 DTR A 3 2.47 5.90 1.83
CD2 DTR A 3 1.29 6.00 1.11
C DTR A 3 0.81 2.55 1.83
O DTR A 3 1.78 3.21 1.52
H DTR A 3 -1.43 2.07 0.79
HA DTR A 3 -0.74 2.70 3.32
HB2 DTR A 3 0.50 4.74 3.32
HB3 DTR A 3 -1.18 5.11 3.08
HD1 DTR A 3 -1.81 5.59 0.36
HE1 DTR A 3 -0.38 6.95 -1.23
HZ2 DTR A 3 2.37 7.88 -1.49
HH2 DTR A 3 4.49 7.70 -0.22
HZ3 DTR A 3 4.55 6.45 1.90
HE3 DTR A 3 2.45 5.31 2.75
N GLN A 4 0.80 1.25 1.73
CA GLN A 4 2.01 0.56 1.22
C GLN A 4 1.60 0.07 -0.15
N PRO A 5 2.13 0.63 -1.20
CA PRO A 5 1.62 0.29 -2.53
C PRO A 5 2.10 -1.10 -2.96
N TRP A 6 2.61 -1.83 -2.00
CA TRP A 6 3.10 -3.20 -2.31
C TRP A 6 2.19 -4.17 -1.52
N CY3 A 7 1.39 -3.57 -0.68
CA CY3 A 7 0.44 -4.31 0.20
C CY3 A 7 -0.05 -5.63 -0.36
O CY3 A 7 -0.48 -5.74 -1.49
CB CY3 A 7 -0.78 -3.38 0.52
SG CY3 A 7 -2.49 -3.92 0.25
N1 CY3 A 7 -0.02 -6.69 0.38
H CY3 A 7 1.38 -2.59 -0.63
HA CY3 A 7 0.99 -4.50 1.11
HB2 CY3 A 7 -0.68 -2.47 -0.08
HB3 CY3 A 7 -0.71 -3.08 1.55
HN11 CY3 A 7 0.32 -6.66 1.30
HN12 CY3 A 7 -0.31 -7.54 0.00
N CYS A 1 -2.68 -0.11 1.77
CA CYS A 1 -3.30 0.42 0.52
C CYS A 1 -4.65 1.09 0.85
N HYP A 2 -4.79 2.38 0.67
CA HYP A 2 -3.69 3.36 0.38
C HYP A 2 -2.72 3.56 1.56
O HYP A 2 -3.02 4.33 2.46
CB HYP A 2 -4.36 4.68 -0.01
CG HYP A 2 -5.83 4.55 0.49
CD HYP A 2 -6.13 3.04 0.74
OD1 HYP A 2 -6.65 4.97 -0.60
HA HYP A 2 -3.13 2.99 -0.46
HB2 HYP A 2 -4.27 4.84 -1.06
HB3 HYP A 2 -3.92 5.51 0.51
HG HYP A 2 -6.03 5.15 1.37
HD22 HYP A 2 -6.77 2.60 0.00
HD23 HYP A 2 -6.55 2.87 1.72
HD1 HYP A 2 -6.47 4.37 -1.34
N DTR A 3 -1.62 2.86 1.53
CA DTR A 3 -0.55 2.94 2.58
CB DTR A 3 -0.41 4.39 3.17
CG DTR A 3 -0.05 5.46 2.12
CD1 DTR A 3 -0.89 5.93 1.18
NE1 DTR A 3 -0.16 6.81 0.53
CE2 DTR A 3 1.08 6.98 0.93
CZ2 DTR A 3 2.22 7.73 0.63
CH2 DTR A 3 3.38 7.56 1.38
CZ3 DTR A 3 3.40 6.65 2.43
CE3 DTR A 3 2.27 5.91 2.73
CD2 DTR A 3 1.13 6.08 1.98
C DTR A 3 0.78 2.55 1.93
O DTR A 3 1.67 3.32 1.66
H DTR A 3 -1.46 2.27 0.78
HA DTR A 3 -0.77 2.29 3.41
HB2 DTR A 3 0.41 4.34 3.85
HB3 DTR A 3 -1.26 4.69 3.73
HD1 DTR A 3 -1.91 5.65 1.03
HE1 DTR A 3 -0.55 7.31 -0.24
HZ2 DTR A 3 2.19 8.43 -0.19
HH2 DTR A 3 4.27 8.15 1.15
HZ3 DTR A 3 4.31 6.53 3.01
HE3 DTR A 3 2.25 5.18 3.53
N GLN A 4 0.88 1.27 1.67
CA GLN A 4 2.13 0.75 1.04
C GLN A 4 1.69 0.15 -0.28
N PRO A 5 2.19 0.63 -1.38
CA PRO A 5 1.63 0.22 -2.68
C PRO A 5 2.11 -1.19 -3.08
N TRP A 6 2.57 -1.92 -2.09
CA TRP A 6 3.04 -3.30 -2.33
C TRP A 6 2.24 -4.20 -1.39
N CY3 A 7 1.36 -3.57 -0.65
CA CY3 A 7 0.52 -4.30 0.33
C CY3 A 7 0.20 -5.76 -0.04
O CY3 A 7 -0.49 -6.05 -1.01
CB CY3 A 7 -0.80 -3.49 0.53
SG CY3 A 7 -2.03 -3.38 -0.79
N1 CY3 A 7 0.67 -6.72 0.69
H CY3 A 7 1.24 -2.60 -0.75
HA CY3 A 7 1.14 -4.28 1.21
HB2 CY3 A 7 -0.55 -2.48 0.83
HB3 CY3 A 7 -1.31 -3.93 1.38
HN11 CY3 A 7 1.23 -6.51 1.46
HN12 CY3 A 7 0.50 -7.65 0.44
N CYS A 1 -3.80 -0.73 2.06
CA CYS A 1 -3.54 0.39 1.10
C CYS A 1 -4.86 1.18 0.92
N HYP A 2 -4.80 2.46 0.62
CA HYP A 2 -3.58 3.24 0.25
C HYP A 2 -2.64 3.51 1.43
O HYP A 2 -2.99 4.24 2.33
CB HYP A 2 -4.11 4.58 -0.36
CG HYP A 2 -5.53 4.74 0.27
CD HYP A 2 -6.03 3.31 0.64
OD1 HYP A 2 -6.37 5.26 -0.76
HA HYP A 2 -3.03 2.68 -0.48
HB2 HYP A 2 -4.11 4.56 -1.42
HB3 HYP A 2 -3.49 5.40 -0.05
HG HYP A 2 -5.50 5.39 1.13
HD22 HYP A 2 -6.75 2.92 -0.07
HD23 HYP A 2 -6.46 3.29 1.64
HD1 HYP A 2 -6.30 4.67 -1.52
N DTR A 3 -1.50 2.86 1.41
CA DTR A 3 -0.45 2.99 2.46
CB DTR A 3 -0.31 4.45 3.04
CG DTR A 3 -0.09 5.55 1.98
CD1 DTR A 3 -1.07 6.10 1.24
NE1 DTR A 3 -0.43 6.98 0.47
CE2 DTR A 3 0.88 7.07 0.64
CZ2 DTR A 3 1.97 7.77 0.13
CH2 DTR A 3 3.24 7.53 0.63
CZ3 DTR A 3 3.44 6.58 1.63
CE3 DTR A 3 2.35 5.87 2.13
CD2 DTR A 3 1.07 6.11 1.64
C DTR A 3 0.88 2.63 1.78
O DTR A 3 1.68 3.41 1.33
H DTR A 3 -1.31 2.26 0.66
HA DTR A 3 -0.65 2.35 3.29
HB2 DTR A 3 0.54 4.46 3.68
HB3 DTR A 3 -1.18 4.71 3.63
HD1 DTR A 3 -2.11 5.86 1.29
HE1 DTR A 3 -0.90 7.53 -0.19
HZ2 DTR A 3 1.82 8.51 -0.64
HH2 DTR A 3 4.09 8.08 0.24
HZ3 DTR A 3 4.43 6.39 2.02
HE3 DTR A 3 2.45 5.12 2.89
N GLN A 4 1.05 1.34 1.68
CA GLN A 4 2.30 0.82 1.05
C GLN A 4 1.88 0.18 -0.25
N PRO A 5 2.39 0.65 -1.36
CA PRO A 5 1.81 0.27 -2.66
C PRO A 5 2.20 -1.16 -3.07
N TRP A 6 2.68 -1.91 -2.11
CA TRP A 6 3.08 -3.32 -2.38
C TRP A 6 2.24 -4.20 -1.45
N CY3 A 7 1.39 -3.53 -0.71
CA CY3 A 7 0.50 -4.20 0.26
C CY3 A 7 0.12 -5.64 -0.09
O CY3 A 7 0.29 -6.57 0.67
CB CY3 A 7 -0.78 -3.33 0.40
SG CY3 A 7 -1.54 -2.72 -1.13
N1 CY3 A 7 -0.42 -5.87 -1.25
H CY3 A 7 1.32 -2.57 -0.80
HA CY3 A 7 1.10 -4.18 1.16
HB2 CY3 A 7 -0.54 -2.46 1.00
HB3 CY3 A 7 -1.53 -3.90 0.93
HN11 CY3 A 7 -0.56 -5.13 -1.86
HN12 CY3 A 7 -0.66 -6.78 -1.51
N CYS A 1 -3.56 -1.00 1.74
CA CYS A 1 -3.42 0.26 0.95
C CYS A 1 -4.72 1.09 1.12
N HYP A 2 -4.73 2.35 0.75
CA HYP A 2 -3.56 3.12 0.22
C HYP A 2 -2.58 3.49 1.35
O HYP A 2 -2.93 4.32 2.16
CB HYP A 2 -4.15 4.38 -0.46
CG HYP A 2 -5.61 4.48 0.07
CD HYP A 2 -5.96 3.17 0.84
OD1 HYP A 2 -6.43 4.52 -1.08
HA HYP A 2 -3.04 2.53 -0.52
HB2 HYP A 2 -4.06 4.34 -1.53
HB3 HYP A 2 -3.63 5.25 -0.13
HG HYP A 2 -5.74 5.36 0.70
HD22 HYP A 2 -6.79 2.64 0.40
HD23 HYP A 2 -6.17 3.36 1.88
HD1 HYP A 2 -6.15 5.28 -1.62
N DTR A 3 -1.45 2.86 1.38
CA DTR A 3 -0.38 3.10 2.39
CB DTR A 3 -0.25 4.60 2.83
CG DTR A 3 -0.03 5.62 1.69
CD1 DTR A 3 -1.01 6.09 0.89
NE1 DTR A 3 -0.38 6.92 0.08
CE2 DTR A 3 0.92 7.07 0.26
CZ2 DTR A 3 2.00 7.76 -0.27
CH2 DTR A 3 3.28 7.59 0.27
CZ3 DTR A 3 3.47 6.71 1.33
CE3 DTR A 3 2.39 6.01 1.86
CD2 DTR A 3 1.13 6.20 1.32
C DTR A 3 0.93 2.68 1.72
O DTR A 3 1.75 3.43 1.23
H DTR A 3 -1.25 2.19 0.69
HA DTR A 3 -0.54 2.54 3.28
HB2 DTR A 3 0.61 4.65 3.46
HB3 DTR A 3 -1.11 4.91 3.41
HD1 DTR A 3 -2.04 5.82 0.95
HE1 DTR A 3 -0.86 7.42 -0.62
HZ2 DTR A 3 1.84 8.45 -1.09
HH2 DTR A 3 4.11 8.14 -0.15
HZ3 DTR A 3 4.47 6.58 1.74
HE3 DTR A 3 2.51 5.31 2.68
N GLN A 4 1.07 1.39 1.70
CA GLN A 4 2.26 0.78 1.09
C GLN A 4 1.81 0.21 -0.24
N PRO A 5 2.35 0.68 -1.34
CA PRO A 5 1.80 0.31 -2.65
C PRO A 5 2.21 -1.13 -3.03
N TRP A 6 2.64 -1.86 -2.04
CA TRP A 6 3.05 -3.28 -2.26
C TRP A 6 2.14 -4.14 -1.38
N CY3 A 7 1.28 -3.47 -0.70
CA CY3 A 7 0.33 -4.09 0.24
C CY3 A 7 -0.11 -5.52 -0.06
O CY3 A 7 0.06 -6.44 0.72
CB CY3 A 7 -0.90 -3.16 0.29
SG CY3 A 7 -1.43 -2.48 -1.31
N1 CY3 A 7 -0.71 -5.77 -1.18
H CY3 A 7 1.25 -2.50 -0.79
HA CY3 A 7 0.88 -4.09 1.17
HB2 CY3 A 7 -0.70 -2.33 0.95
HB3 CY3 A 7 -1.74 -3.70 0.71
HN11 CY3 A 7 -0.85 -5.05 -1.82
HN12 CY3 A 7 -1.03 -6.67 -1.38
N CYS A 1 -2.72 -0.16 1.77
CA CYS A 1 -3.32 0.42 0.53
C CYS A 1 -4.68 1.11 0.83
N HYP A 2 -4.78 2.42 0.67
CA HYP A 2 -3.64 3.35 0.37
C HYP A 2 -2.70 3.55 1.57
O HYP A 2 -3.02 4.31 2.47
CB HYP A 2 -4.29 4.69 -0.05
CG HYP A 2 -5.74 4.63 0.48
CD HYP A 2 -6.09 3.13 0.77
OD1 HYP A 2 -6.55 5.09 -0.60
HA HYP A 2 -3.06 2.97 -0.45
HB2 HYP A 2 -4.19 4.83 -1.11
HB3 HYP A 2 -3.79 5.52 0.44
HG HYP A 2 -5.86 5.25 1.36
HD22 HYP A 2 -6.78 2.71 0.07
HD23 HYP A 2 -6.47 3.01 1.79
HD1 HYP A 2 -6.42 4.49 -1.34
N DTR A 3 -1.59 2.86 1.55
CA DTR A 3 -0.55 2.93 2.59
CB DTR A 3 -0.35 4.38 3.20
CG DTR A 3 -0.04 5.47 2.15
CD1 DTR A 3 -0.95 6.05 1.36
NE1 DTR A 3 -0.25 6.89 0.63
CE2 DTR A 3 1.06 6.95 0.88
CZ2 DTR A 3 2.19 7.61 0.44
CH2 DTR A 3 3.44 7.35 1.01
CZ3 DTR A 3 3.54 6.39 2.02
CE3 DTR A 3 2.39 5.71 2.45
CD2 DTR A 3 1.17 6.00 1.88
C DTR A 3 0.76 2.53 1.89
O DTR A 3 1.63 3.29 1.54
H DTR A 3 -1.42 2.27 0.78
HA DTR A 3 -0.76 2.27 3.40
HB2 DTR A 3 0.49 4.32 3.86
HB3 DTR A 3 -1.21 4.68 3.77
HD1 DTR A 3 -1.99 5.83 1.34
HE1 DTR A 3 -0.66 7.46 -0.06
HZ2 DTR A 3 2.11 8.36 -0.34
HH2 DTR A 3 4.31 7.87 0.66
HZ3 DTR A 3 4.50 6.16 2.46
HE3 DTR A 3 2.44 4.96 3.23
N GLN A 4 0.88 1.25 1.70
CA GLN A 4 2.10 0.72 1.03
C GLN A 4 1.66 0.13 -0.27
N PRO A 5 2.16 0.61 -1.38
CA PRO A 5 1.61 0.21 -2.68
C PRO A 5 2.09 -1.19 -3.07
N TRP A 6 2.56 -1.91 -2.10
CA TRP A 6 3.04 -3.30 -2.34
C TRP A 6 2.26 -4.18 -1.40
N CY3 A 7 1.40 -3.56 -0.62
CA CY3 A 7 0.55 -4.26 0.36
C CY3 A 7 0.21 -5.70 -0.05
O CY3 A 7 0.54 -6.66 0.62
CB CY3 A 7 -0.75 -3.44 0.58
SG CY3 A 7 -1.94 -3.31 -0.79
N1 CY3 A 7 -0.44 -5.88 -1.15
H CY3 A 7 1.30 -2.59 -0.71
HA CY3 A 7 1.19 -4.29 1.24
HB2 CY3 A 7 -0.49 -2.45 0.90
HB3 CY3 A 7 -1.28 -3.91 1.40
HN11 CY3 A 7 -0.70 -5.11 -1.69
HN12 CY3 A 7 -0.64 -6.79 -1.47
#